data_4WMW
#
_entry.id   4WMW
#
_cell.length_a   98.940
_cell.length_b   136.300
_cell.length_c   37.800
_cell.angle_alpha   90.000
_cell.angle_beta   90.000
_cell.angle_gamma   90.000
#
_symmetry.space_group_name_H-M   'P 21 21 2'
#
loop_
_entity.id
_entity.type
_entity.pdbx_description
1 polymer 'MBP-MCL1 chimera protein'
2 branched alpha-D-glucopyranose-(1-4)-alpha-D-glucopyranose
3 non-polymer 'MAGNESIUM ION'
4 non-polymer 1,2-ETHANEDIOL
5 non-polymer 'FORMIC ACID'
6 non-polymer '2-hydroxy-5-(methylsulfanyl)benzoic acid'
7 water water
#
_entity_poly.entity_id   1
_entity_poly.type   'polypeptide(L)'
_entity_poly.pdbx_seq_one_letter_code
;GKIEEGKLVIWINGDKGYNGLAEVGKKFEKDTGIKVTVEHPDKLEEKFPQVAATGDGPDIIFWAHDRFGGYAQSGLLAEI
TPDKAFQDKLYPFTWDAVRYNGKLIAYPIAVEALSLIYNKDLLPNPPKTWEEIPALDKELKAKGKSALMFNLQEPYFTWP
LIAADGGYAFKYENGKYDIKDVGVDNAGAKAGLTFLVDLIKNKHMNADTDYSIAEAAFNKGETAMTINGPWAWSNIDTSK
VNYGVTVLPTFKGQPSKPFVGVLSAGINAASPNKELAKEFLENYLLTDEGLEAVNKDKPLGAVALKSYEEELAKDPRIAA
TMENAQKGEIMPNIPQMSAFWYAVRTAVINAASGRQTVDEALKDAQTGSELYRQSLEIISRYLREQATGAADTAPMGASG
ATSRKALETLRRVGDGVQRNHETAFQGMLRKLDIKNEDDVKSLSRVMIHVFSDGVTNWGRIVTLISFGAFVAKHLKTINQ
ESCIEPLAESITDVLVRTKRDWLVKQRGWDGFVEFFHV
;
_entity_poly.pdbx_strand_id   A
#
# COMPACT_ATOMS: atom_id res chain seq x y z
N GLY A 1 -15.88 16.65 18.91
CA GLY A 1 -15.34 16.27 17.62
C GLY A 1 -16.37 16.35 16.50
N LYS A 2 -16.04 15.75 15.35
CA LYS A 2 -16.88 15.79 14.16
C LYS A 2 -17.65 14.48 13.96
N ILE A 3 -17.08 13.39 14.45
CA ILE A 3 -17.76 12.09 14.38
C ILE A 3 -18.79 12.00 15.51
N GLU A 4 -19.98 11.52 15.17
CA GLU A 4 -21.11 11.50 16.12
C GLU A 4 -20.95 10.45 17.21
N GLU A 5 -21.24 10.83 18.45
CA GLU A 5 -21.19 9.91 19.58
C GLU A 5 -22.41 9.01 19.61
N GLY A 6 -22.24 7.80 20.14
CA GLY A 6 -23.38 6.91 20.36
C GLY A 6 -23.92 6.20 19.14
N LYS A 7 -23.10 6.10 18.09
CA LYS A 7 -23.46 5.37 16.88
C LYS A 7 -22.19 4.79 16.25
N LEU A 8 -22.32 3.84 15.33
CA LEU A 8 -21.18 3.30 14.60
C LEU A 8 -21.31 3.44 13.08
N VAL A 9 -20.30 4.03 12.46
CA VAL A 9 -20.22 4.10 11.00
C VAL A 9 -19.03 3.28 10.52
N ILE A 10 -19.30 2.33 9.62
CA ILE A 10 -18.29 1.39 9.15
C ILE A 10 -18.08 1.54 7.65
N TRP A 11 -16.83 1.60 7.20
CA TRP A 11 -16.55 1.64 5.77
C TRP A 11 -15.84 0.36 5.33
N ILE A 12 -16.28 -0.22 4.22
CA ILE A 12 -15.60 -1.42 3.71
C ILE A 12 -15.63 -1.37 2.19
N ASN A 13 -14.70 -2.06 1.53
CA ASN A 13 -14.58 -1.96 0.08
C ASN A 13 -15.71 -2.69 -0.64
N GLY A 14 -16.12 -2.13 -1.77
CA GLY A 14 -17.26 -2.64 -2.51
C GLY A 14 -17.12 -4.03 -3.09
N ASP A 15 -15.93 -4.60 -3.08
CA ASP A 15 -15.81 -5.98 -3.57
C ASP A 15 -15.96 -7.01 -2.43
N LYS A 16 -16.17 -6.52 -1.20
CA LYS A 16 -16.36 -7.42 -0.05
C LYS A 16 -17.83 -7.64 0.33
N GLY A 17 -18.06 -8.52 1.29
CA GLY A 17 -19.42 -8.89 1.67
C GLY A 17 -20.06 -7.87 2.58
N TYR A 18 -20.34 -6.66 2.07
CA TYR A 18 -20.82 -5.61 2.96
C TYR A 18 -22.27 -5.80 3.40
N ASN A 19 -23.06 -6.55 2.62
CA ASN A 19 -24.41 -6.88 3.04
C ASN A 19 -24.40 -7.84 4.21
N GLY A 20 -23.52 -8.84 4.15
CA GLY A 20 -23.31 -9.76 5.25
C GLY A 20 -22.80 -9.05 6.49
N LEU A 21 -21.89 -8.10 6.30
CA LEU A 21 -21.42 -7.28 7.42
C LEU A 21 -22.59 -6.45 8.00
N ALA A 22 -23.48 -5.98 7.12
CA ALA A 22 -24.65 -5.22 7.57
C ALA A 22 -25.57 -6.05 8.47
N GLU A 23 -25.71 -7.34 8.14
CA GLU A 23 -26.45 -8.27 9.00
C GLU A 23 -25.87 -8.30 10.41
N VAL A 24 -24.54 -8.33 10.49
CA VAL A 24 -23.88 -8.36 11.79
C VAL A 24 -24.18 -7.05 12.53
N GLY A 25 -24.16 -5.93 11.80
CA GLY A 25 -24.53 -4.64 12.35
C GLY A 25 -25.96 -4.62 12.87
N LYS A 26 -26.86 -5.27 12.14
CA LYS A 26 -28.26 -5.34 12.58
C LYS A 26 -28.38 -6.11 13.90
N LYS A 27 -27.62 -7.20 14.05
CA LYS A 27 -27.67 -7.99 15.28
C LYS A 27 -27.18 -7.17 16.49
N PHE A 28 -26.14 -6.37 16.26
CA PHE A 28 -25.62 -5.44 17.28
C PHE A 28 -26.66 -4.37 17.63
N GLU A 29 -27.31 -3.84 16.60
CA GLU A 29 -28.34 -2.83 16.77
C GLU A 29 -29.53 -3.38 17.56
N LYS A 30 -29.88 -4.63 17.29
CA LYS A 30 -31.00 -5.28 17.96
C LYS A 30 -30.73 -5.46 19.44
N ASP A 31 -29.50 -5.81 19.77
CA ASP A 31 -29.07 -5.97 21.17
C ASP A 31 -29.03 -4.66 21.94
N THR A 32 -28.47 -3.63 21.32
CA THR A 32 -28.03 -2.46 22.06
C THR A 32 -28.89 -1.22 21.83
N GLY A 33 -29.65 -1.22 20.74
CA GLY A 33 -30.45 -0.06 20.36
C GLY A 33 -29.57 1.03 19.77
N ILE A 34 -28.34 0.65 19.41
CA ILE A 34 -27.37 1.59 18.89
C ILE A 34 -27.18 1.42 17.39
N LYS A 35 -27.36 2.51 16.66
CA LYS A 35 -27.34 2.48 15.20
C LYS A 35 -25.96 2.12 14.66
N VAL A 36 -25.94 1.17 13.73
CA VAL A 36 -24.75 0.80 12.98
C VAL A 36 -25.03 1.04 11.51
N THR A 37 -24.07 1.66 10.81
CA THR A 37 -24.24 1.99 9.41
C THR A 37 -23.01 1.50 8.63
N VAL A 38 -23.25 0.60 7.68
CA VAL A 38 -22.20 0.08 6.81
C VAL A 38 -22.24 0.79 5.46
N GLU A 39 -21.11 1.32 5.01
CA GLU A 39 -21.02 2.00 3.71
C GLU A 39 -19.87 1.44 2.90
N HIS A 40 -19.93 1.56 1.58
CA HIS A 40 -18.81 1.12 0.75
C HIS A 40 -18.36 2.21 -0.23
N PRO A 41 -17.80 3.31 0.29
CA PRO A 41 -17.44 4.48 -0.52
C PRO A 41 -16.49 4.13 -1.65
N ASP A 42 -16.58 4.86 -2.75
CA ASP A 42 -15.63 4.72 -3.85
C ASP A 42 -14.25 5.19 -3.39
N LYS A 43 -13.19 4.62 -3.95
CA LYS A 43 -11.80 4.99 -3.62
C LYS A 43 -11.59 5.12 -2.11
N LEU A 44 -12.22 4.21 -1.39
CA LEU A 44 -12.17 4.11 0.06
C LEU A 44 -10.78 4.30 0.71
N GLU A 45 -9.78 3.62 0.18
CA GLU A 45 -8.45 3.67 0.80
C GLU A 45 -7.80 5.06 0.66
N GLU A 46 -8.30 5.86 -0.28
CA GLU A 46 -7.82 7.24 -0.45
C GLU A 46 -8.71 8.24 0.27
N LYS A 47 -10.00 7.91 0.38
CA LYS A 47 -10.94 8.80 1.04
C LYS A 47 -10.71 8.80 2.56
N PHE A 48 -10.41 7.64 3.14
CA PHE A 48 -10.27 7.57 4.59
C PHE A 48 -9.17 8.52 5.13
N PRO A 49 -7.93 8.44 4.60
CA PRO A 49 -6.94 9.37 5.15
C PRO A 49 -7.30 10.84 4.92
N GLN A 50 -8.00 11.14 3.83
CA GLN A 50 -8.40 12.51 3.55
C GLN A 50 -9.34 13.05 4.62
N VAL A 51 -10.39 12.28 4.92
CA VAL A 51 -11.41 12.72 5.89
C VAL A 51 -10.98 12.53 7.35
N ALA A 52 -10.20 11.49 7.62
CA ALA A 52 -9.76 11.22 8.99
C ALA A 52 -8.77 12.24 9.48
N ALA A 53 -8.02 12.84 8.56
CA ALA A 53 -7.05 13.86 8.92
C ALA A 53 -7.75 15.06 9.53
N THR A 54 -8.96 15.34 9.05
CA THR A 54 -9.72 16.47 9.54
C THR A 54 -10.46 16.11 10.83
N GLY A 55 -10.26 14.88 11.28
CA GLY A 55 -10.92 14.38 12.47
C GLY A 55 -12.33 13.89 12.19
N ASP A 56 -12.59 13.52 10.94
CA ASP A 56 -13.91 13.08 10.52
C ASP A 56 -13.82 11.65 9.98
N GLY A 57 -14.86 11.18 9.31
CA GLY A 57 -14.83 9.84 8.73
C GLY A 57 -15.57 8.81 9.57
N PRO A 58 -15.37 7.52 9.24
CA PRO A 58 -16.09 6.44 9.92
C PRO A 58 -15.44 6.08 11.25
N ASP A 59 -16.17 5.38 12.12
CA ASP A 59 -15.58 4.85 13.35
C ASP A 59 -14.66 3.68 13.05
N ILE A 60 -15.03 2.88 12.06
CA ILE A 60 -14.28 1.68 11.70
C ILE A 60 -13.97 1.67 10.21
N ILE A 61 -12.71 1.41 9.89
CA ILE A 61 -12.26 1.28 8.50
C ILE A 61 -11.75 -0.13 8.21
N PHE A 62 -12.27 -0.75 7.16
CA PHE A 62 -11.80 -2.05 6.67
C PHE A 62 -10.93 -1.85 5.43
N TRP A 63 -9.75 -2.47 5.42
CA TRP A 63 -8.92 -2.60 4.21
C TRP A 63 -7.91 -3.72 4.46
N ALA A 64 -7.18 -4.14 3.42
CA ALA A 64 -6.02 -4.98 3.64
C ALA A 64 -5.03 -4.25 4.57
N HIS A 65 -4.23 -5.02 5.29
CA HIS A 65 -3.35 -4.46 6.31
C HIS A 65 -2.23 -3.55 5.78
N ASP A 66 -1.92 -3.61 4.48
CA ASP A 66 -0.78 -2.85 3.93
C ASP A 66 -0.99 -1.33 4.06
N ARG A 67 -2.24 -0.87 4.02
CA ARG A 67 -2.49 0.58 4.14
C ARG A 67 -2.43 1.11 5.57
N PHE A 68 -2.47 0.23 6.57
CA PHE A 68 -2.75 0.69 7.94
C PHE A 68 -1.55 1.34 8.62
N GLY A 69 -0.34 0.97 8.21
CA GLY A 69 0.84 1.60 8.81
C GLY A 69 0.90 3.07 8.49
N GLY A 70 0.56 3.41 7.25
CA GLY A 70 0.50 4.81 6.86
C GLY A 70 -0.54 5.57 7.65
N TYR A 71 -1.72 4.97 7.82
CA TYR A 71 -2.78 5.58 8.62
C TYR A 71 -2.32 5.79 10.07
N ALA A 72 -1.71 4.77 10.65
CA ALA A 72 -1.25 4.85 12.04
C ALA A 72 -0.18 5.91 12.19
N GLN A 73 0.74 5.95 11.25
CA GLN A 73 1.83 6.92 11.27
C GLN A 73 1.28 8.35 11.21
N SER A 74 0.16 8.52 10.51
CA SER A 74 -0.47 9.82 10.37
C SER A 74 -1.40 10.15 11.53
N GLY A 75 -1.43 9.29 12.55
CA GLY A 75 -2.23 9.56 13.75
C GLY A 75 -3.71 9.26 13.59
N LEU A 76 -4.06 8.50 12.57
CA LEU A 76 -5.47 8.33 12.20
C LEU A 76 -6.13 7.10 12.84
N LEU A 77 -5.34 6.28 13.52
CA LEU A 77 -5.87 5.06 14.11
C LEU A 77 -5.63 4.96 15.61
N ALA A 78 -6.61 4.41 16.31
CA ALA A 78 -6.49 4.12 17.72
C ALA A 78 -5.70 2.82 17.91
N GLU A 79 -4.86 2.78 18.93
CA GLU A 79 -4.25 1.51 19.31
C GLU A 79 -5.37 0.61 19.80
N ILE A 80 -5.38 -0.65 19.41
CA ILE A 80 -6.42 -1.51 19.94
C ILE A 80 -5.86 -2.31 21.10
N THR A 81 -6.74 -2.74 22.00
CA THR A 81 -6.29 -3.40 23.21
C THR A 81 -7.07 -4.68 23.51
N PRO A 82 -7.01 -5.66 22.60
CA PRO A 82 -7.66 -6.94 22.91
C PRO A 82 -7.00 -7.57 24.11
N ASP A 83 -7.79 -8.20 24.97
CA ASP A 83 -7.21 -8.91 26.11
C ASP A 83 -6.58 -10.22 25.63
N LYS A 84 -5.75 -10.82 26.47
CA LYS A 84 -5.03 -12.03 26.10
C LYS A 84 -5.94 -13.15 25.58
N ALA A 85 -7.07 -13.35 26.26
CA ALA A 85 -8.04 -14.34 25.82
C ALA A 85 -8.52 -14.06 24.41
N PHE A 86 -8.79 -12.81 24.07
CA PHE A 86 -9.27 -12.56 22.72
C PHE A 86 -8.14 -12.77 21.71
N GLN A 87 -6.95 -12.28 22.03
CA GLN A 87 -5.81 -12.46 21.12
C GLN A 87 -5.57 -13.91 20.81
N ASP A 88 -5.72 -14.76 21.82
CA ASP A 88 -5.51 -16.18 21.64
C ASP A 88 -6.54 -16.83 20.70
N LYS A 89 -7.62 -16.13 20.38
CA LYS A 89 -8.60 -16.72 19.46
C LYS A 89 -8.19 -16.58 17.98
N LEU A 90 -7.24 -15.71 17.69
CA LEU A 90 -6.82 -15.49 16.30
C LEU A 90 -5.38 -15.97 16.09
N TYR A 91 -5.07 -16.43 14.87
CA TYR A 91 -3.72 -16.91 14.57
C TYR A 91 -2.68 -15.81 14.79
N PRO A 92 -1.57 -16.16 15.46
CA PRO A 92 -0.51 -15.18 15.75
C PRO A 92 -0.02 -14.42 14.52
N PHE A 93 0.07 -15.08 13.37
CA PHE A 93 0.65 -14.38 12.23
C PHE A 93 -0.33 -13.34 11.67
N THR A 94 -1.62 -13.45 11.98
CA THR A 94 -2.54 -12.41 11.54
C THR A 94 -2.38 -11.16 12.42
N TRP A 95 -2.13 -11.36 13.72
CA TRP A 95 -1.80 -10.22 14.58
C TRP A 95 -0.53 -9.54 14.12
N ASP A 96 0.45 -10.33 13.67
CA ASP A 96 1.73 -9.77 13.22
C ASP A 96 1.53 -8.79 12.06
N ALA A 97 0.58 -9.11 11.18
CA ALA A 97 0.28 -8.25 10.04
C ALA A 97 -0.23 -6.88 10.45
N VAL A 98 -0.82 -6.76 11.65
CA VAL A 98 -1.40 -5.49 12.04
C VAL A 98 -0.68 -4.88 13.24
N ARG A 99 0.58 -5.28 13.42
CA ARG A 99 1.44 -4.68 14.42
C ARG A 99 2.31 -3.65 13.72
N TYR A 100 2.34 -2.44 14.25
CA TYR A 100 3.12 -1.33 13.70
C TYR A 100 3.86 -0.58 14.80
N ASN A 101 5.18 -0.57 14.73
CA ASN A 101 6.01 0.03 15.79
C ASN A 101 5.65 -0.56 17.17
N GLY A 102 5.47 -1.87 17.21
CA GLY A 102 5.23 -2.55 18.47
C GLY A 102 3.81 -2.49 19.02
N LYS A 103 2.91 -1.81 18.31
CA LYS A 103 1.53 -1.66 18.78
C LYS A 103 0.53 -2.30 17.81
N LEU A 104 -0.55 -2.87 18.34
CA LEU A 104 -1.62 -3.38 17.47
C LEU A 104 -2.49 -2.23 16.98
N ILE A 105 -2.62 -2.08 15.66
CA ILE A 105 -3.36 -0.93 15.11
C ILE A 105 -4.63 -1.33 14.35
N ALA A 106 -5.00 -2.60 14.41
CA ALA A 106 -6.24 -3.08 13.77
C ALA A 106 -6.55 -4.51 14.19
N TYR A 107 -7.81 -4.92 13.99
CA TYR A 107 -8.21 -6.32 14.14
C TYR A 107 -8.10 -7.06 12.82
N PRO A 108 -7.34 -8.16 12.79
CA PRO A 108 -7.25 -8.94 11.56
C PRO A 108 -8.51 -9.76 11.37
N ILE A 109 -8.97 -9.85 10.12
CA ILE A 109 -10.20 -10.57 9.82
C ILE A 109 -9.93 -11.84 9.01
N ALA A 110 -9.15 -11.72 7.94
CA ALA A 110 -8.97 -12.87 7.05
C ALA A 110 -7.74 -12.70 6.17
N VAL A 111 -7.17 -13.84 5.78
CA VAL A 111 -6.00 -13.88 4.92
C VAL A 111 -6.42 -14.07 3.46
N GLU A 112 -5.96 -13.16 2.59
CA GLU A 112 -6.33 -13.17 1.18
C GLU A 112 -5.11 -13.43 0.31
N ALA A 113 -5.24 -14.35 -0.65
CA ALA A 113 -4.22 -14.53 -1.68
C ALA A 113 -4.89 -14.80 -3.01
N LEU A 114 -4.34 -14.25 -4.08
CA LEU A 114 -4.82 -14.54 -5.43
C LEU A 114 -4.55 -16.01 -5.78
N SER A 115 -5.46 -16.61 -6.54
CA SER A 115 -5.27 -17.93 -7.10
C SER A 115 -5.58 -17.92 -8.59
N LEU A 116 -5.21 -18.99 -9.28
CA LEU A 116 -5.66 -19.18 -10.64
C LEU A 116 -7.06 -19.81 -10.59
N ILE A 117 -8.04 -19.11 -11.16
CA ILE A 117 -9.39 -19.65 -11.30
C ILE A 117 -9.59 -20.08 -12.73
N TYR A 118 -10.08 -21.31 -12.95
CA TYR A 118 -10.18 -21.83 -14.30
C TYR A 118 -11.52 -22.54 -14.52
N ASN A 119 -11.96 -22.50 -15.78
CA ASN A 119 -13.20 -23.13 -16.21
C ASN A 119 -12.91 -24.59 -16.63
N LYS A 120 -13.35 -25.55 -15.83
CA LYS A 120 -13.03 -26.95 -16.03
C LYS A 120 -13.62 -27.52 -17.31
N ASP A 121 -14.70 -26.89 -17.80
CA ASP A 121 -15.34 -27.36 -19.02
C ASP A 121 -14.54 -26.97 -20.27
N LEU A 122 -13.80 -25.87 -20.19
CA LEU A 122 -12.94 -25.42 -21.29
C LEU A 122 -11.50 -25.89 -21.14
N LEU A 123 -11.09 -26.04 -19.89
CA LEU A 123 -9.69 -26.24 -19.58
C LEU A 123 -9.54 -27.17 -18.39
N PRO A 124 -9.76 -28.48 -18.62
CA PRO A 124 -9.80 -29.46 -17.53
C PRO A 124 -8.44 -29.62 -16.86
N ASN A 125 -7.37 -29.31 -17.57
CA ASN A 125 -6.02 -29.40 -17.01
C ASN A 125 -5.29 -28.07 -17.18
N PRO A 126 -5.41 -27.19 -16.18
CA PRO A 126 -4.88 -25.83 -16.27
C PRO A 126 -3.35 -25.81 -16.39
N PRO A 127 -2.80 -24.80 -17.07
CA PRO A 127 -1.35 -24.76 -17.33
C PRO A 127 -0.55 -24.61 -16.04
N LYS A 128 0.55 -25.34 -15.92
CA LYS A 128 1.45 -25.18 -14.77
C LYS A 128 2.41 -24.01 -14.94
N THR A 129 2.59 -23.54 -16.17
CA THR A 129 3.51 -22.44 -16.46
C THR A 129 2.87 -21.27 -17.20
N TRP A 130 3.36 -20.06 -16.96
CA TRP A 130 2.97 -18.93 -17.78
C TRP A 130 3.38 -19.14 -19.25
N GLU A 131 4.53 -19.78 -19.46
CA GLU A 131 5.10 -19.85 -20.82
C GLU A 131 4.20 -20.64 -21.81
N GLU A 132 3.36 -21.51 -21.30
CA GLU A 132 2.50 -22.29 -22.19
C GLU A 132 1.18 -21.58 -22.55
N ILE A 133 0.92 -20.44 -21.92
CA ILE A 133 -0.33 -19.73 -22.14
C ILE A 133 -0.51 -19.15 -23.57
N PRO A 134 0.56 -18.61 -24.20
CA PRO A 134 0.33 -18.17 -25.58
C PRO A 134 -0.20 -19.28 -26.51
N ALA A 135 0.39 -20.47 -26.43
CA ALA A 135 -0.04 -21.57 -27.29
C ALA A 135 -1.46 -22.03 -26.91
N LEU A 136 -1.75 -22.02 -25.62
CA LEU A 136 -3.06 -22.38 -25.13
C LEU A 136 -4.13 -21.41 -25.64
N ASP A 137 -3.79 -20.12 -25.67
CA ASP A 137 -4.72 -19.12 -26.18
C ASP A 137 -4.98 -19.33 -27.66
N LYS A 138 -3.95 -19.70 -28.41
CA LYS A 138 -4.16 -19.98 -29.83
C LYS A 138 -5.11 -21.17 -30.01
N GLU A 139 -4.97 -22.22 -29.18
CA GLU A 139 -5.88 -23.36 -29.28
C GLU A 139 -7.30 -22.91 -28.97
N LEU A 140 -7.46 -22.13 -27.92
CA LEU A 140 -8.78 -21.71 -27.46
C LEU A 140 -9.45 -20.71 -28.42
N LYS A 141 -8.64 -19.81 -28.99
CA LYS A 141 -9.17 -18.82 -29.93
C LYS A 141 -9.83 -19.49 -31.15
N ALA A 142 -9.34 -20.67 -31.54
CA ALA A 142 -9.95 -21.40 -32.65
C ALA A 142 -11.38 -21.82 -32.32
N LYS A 143 -11.67 -21.90 -31.02
CA LYS A 143 -12.99 -22.29 -30.51
C LYS A 143 -13.83 -21.07 -30.12
N GLY A 144 -13.33 -19.87 -30.38
CA GLY A 144 -14.04 -18.67 -29.97
C GLY A 144 -13.90 -18.33 -28.49
N LYS A 145 -12.81 -18.80 -27.87
CA LYS A 145 -12.52 -18.56 -26.45
C LYS A 145 -11.15 -17.92 -26.28
N SER A 146 -10.86 -17.40 -25.09
CA SER A 146 -9.52 -16.92 -24.81
C SER A 146 -8.98 -17.67 -23.58
N ALA A 147 -7.66 -17.71 -23.42
CA ALA A 147 -7.06 -18.45 -22.31
C ALA A 147 -7.21 -17.75 -20.97
N LEU A 148 -6.97 -16.44 -20.94
CA LEU A 148 -6.78 -15.76 -19.65
C LEU A 148 -7.14 -14.28 -19.68
N MET A 149 -7.97 -13.86 -18.73
CA MET A 149 -8.27 -12.44 -18.55
C MET A 149 -8.28 -12.10 -17.07
N PHE A 150 -7.54 -11.06 -16.71
CA PHE A 150 -7.56 -10.57 -15.34
C PHE A 150 -7.33 -9.05 -15.35
N ASN A 151 -7.64 -8.42 -14.22
CA ASN A 151 -7.52 -6.97 -14.05
C ASN A 151 -6.08 -6.48 -14.26
N LEU A 152 -5.86 -5.70 -15.32
CA LEU A 152 -4.55 -5.15 -15.62
C LEU A 152 -4.41 -3.70 -15.12
N GLN A 153 -5.47 -3.18 -14.49
CA GLN A 153 -5.45 -1.79 -14.01
C GLN A 153 -4.94 -1.65 -12.57
N GLU A 154 -4.90 -2.77 -11.85
CA GLU A 154 -4.39 -2.80 -10.48
C GLU A 154 -3.19 -3.75 -10.39
N PRO A 155 -2.04 -3.21 -9.93
CA PRO A 155 -0.77 -3.95 -9.88
C PRO A 155 -0.83 -5.17 -8.97
N TYR A 156 -1.77 -5.18 -8.02
CA TYR A 156 -1.98 -6.35 -7.17
C TYR A 156 -2.06 -7.65 -7.98
N PHE A 157 -2.73 -7.57 -9.12
CA PHE A 157 -3.01 -8.76 -9.92
C PHE A 157 -1.81 -9.18 -10.80
N THR A 158 -0.96 -8.22 -11.15
CA THR A 158 0.20 -8.52 -12.01
CA THR A 158 0.19 -8.52 -12.00
C THR A 158 1.43 -8.79 -11.15
N TRP A 159 1.41 -8.30 -9.91
CA TRP A 159 2.54 -8.54 -8.99
C TRP A 159 3.04 -9.99 -8.90
N PRO A 160 2.12 -10.98 -8.89
CA PRO A 160 2.65 -12.34 -8.69
C PRO A 160 3.61 -12.76 -9.81
N LEU A 161 3.34 -12.31 -11.03
CA LEU A 161 4.20 -12.59 -12.17
C LEU A 161 5.49 -11.75 -12.10
N ILE A 162 5.37 -10.50 -11.68
CA ILE A 162 6.55 -9.63 -11.55
C ILE A 162 7.53 -10.18 -10.54
N ALA A 163 7.01 -10.72 -9.44
CA ALA A 163 7.87 -11.18 -8.36
C ALA A 163 8.42 -12.59 -8.62
N ALA A 164 7.81 -13.31 -9.55
CA ALA A 164 8.15 -14.72 -9.76
C ALA A 164 9.65 -14.98 -9.93
N ASP A 165 10.27 -14.27 -10.87
CA ASP A 165 11.68 -14.51 -11.22
C ASP A 165 12.60 -13.56 -10.45
N GLY A 166 12.09 -12.95 -9.39
CA GLY A 166 12.97 -12.18 -8.52
C GLY A 166 12.62 -10.74 -8.21
N GLY A 167 11.55 -10.21 -8.80
CA GLY A 167 11.12 -8.88 -8.42
C GLY A 167 10.73 -8.84 -6.95
N TYR A 168 10.96 -7.70 -6.30
CA TYR A 168 10.46 -7.53 -4.93
C TYR A 168 10.18 -6.05 -4.65
N ALA A 169 9.41 -5.78 -3.60
CA ALA A 169 9.07 -4.41 -3.26
C ALA A 169 10.22 -3.85 -2.45
N PHE A 170 10.08 -3.95 -1.14
CA PHE A 170 11.13 -3.55 -0.21
C PHE A 170 11.87 -4.78 0.33
N LYS A 171 13.21 -4.75 0.24
CA LYS A 171 14.03 -5.85 0.77
C LYS A 171 13.77 -6.06 2.27
N TYR A 172 13.63 -7.31 2.67
CA TYR A 172 13.28 -7.63 4.06
C TYR A 172 14.47 -7.49 5.01
N TYR A 177 12.56 -4.18 7.04
CA TYR A 177 12.38 -3.66 5.69
C TYR A 177 13.25 -2.44 5.41
N ASP A 178 14.19 -2.58 4.48
CA ASP A 178 14.97 -1.43 4.01
C ASP A 178 14.24 -0.67 2.93
N ILE A 179 13.58 0.43 3.30
CA ILE A 179 12.78 1.16 2.31
C ILE A 179 13.65 1.94 1.31
N LYS A 180 14.96 1.79 1.40
CA LYS A 180 15.88 2.35 0.40
C LYS A 180 16.28 1.32 -0.65
N ASP A 181 16.06 0.03 -0.35
CA ASP A 181 16.38 -1.09 -1.24
C ASP A 181 15.11 -1.64 -1.88
N VAL A 182 14.86 -1.26 -3.14
CA VAL A 182 13.63 -1.66 -3.80
C VAL A 182 13.96 -2.51 -5.03
N GLY A 183 13.17 -3.55 -5.27
CA GLY A 183 13.50 -4.48 -6.33
C GLY A 183 12.52 -4.46 -7.48
N VAL A 184 11.92 -3.31 -7.75
CA VAL A 184 10.90 -3.18 -8.80
CA VAL A 184 10.91 -3.31 -8.82
C VAL A 184 11.55 -3.13 -10.19
N ASP A 185 12.84 -2.77 -10.23
CA ASP A 185 13.53 -2.53 -11.50
C ASP A 185 14.63 -3.55 -11.81
N ASN A 186 14.63 -4.70 -11.14
CA ASN A 186 15.71 -5.65 -11.39
C ASN A 186 15.39 -6.57 -12.57
N ALA A 187 16.31 -7.48 -12.89
CA ALA A 187 16.14 -8.32 -14.06
C ALA A 187 14.87 -9.19 -13.97
N GLY A 188 14.57 -9.68 -12.78
CA GLY A 188 13.43 -10.55 -12.61
C GLY A 188 12.10 -9.83 -12.80
N ALA A 189 12.02 -8.60 -12.29
CA ALA A 189 10.81 -7.80 -12.43
C ALA A 189 10.63 -7.45 -13.90
N LYS A 190 11.72 -7.05 -14.54
CA LYS A 190 11.69 -6.73 -15.97
C LYS A 190 11.23 -7.91 -16.82
N ALA A 191 11.73 -9.10 -16.51
CA ALA A 191 11.34 -10.30 -17.24
C ALA A 191 9.86 -10.56 -17.10
N GLY A 192 9.35 -10.44 -15.87
CA GLY A 192 7.96 -10.70 -15.59
C GLY A 192 7.04 -9.76 -16.32
N LEU A 193 7.32 -8.46 -16.23
CA LEU A 193 6.49 -7.46 -16.88
C LEU A 193 6.61 -7.53 -18.41
N THR A 194 7.80 -7.81 -18.92
CA THR A 194 7.97 -7.97 -20.37
C THR A 194 7.10 -9.11 -20.91
N PHE A 195 7.00 -10.19 -20.15
CA PHE A 195 6.18 -11.31 -20.59
C PHE A 195 4.72 -10.90 -20.67
N LEU A 196 4.26 -10.14 -19.68
CA LEU A 196 2.90 -9.62 -19.68
C LEU A 196 2.68 -8.73 -20.90
N VAL A 197 3.64 -7.85 -21.15
CA VAL A 197 3.56 -6.92 -22.28
C VAL A 197 3.52 -7.70 -23.60
N ASP A 198 4.31 -8.78 -23.67
CA ASP A 198 4.36 -9.59 -24.89
C ASP A 198 3.04 -10.32 -25.12
N LEU A 199 2.41 -10.79 -24.04
CA LEU A 199 1.06 -11.35 -24.16
C LEU A 199 0.12 -10.36 -24.82
N ILE A 200 0.24 -9.08 -24.45
CA ILE A 200 -0.62 -8.05 -24.99
C ILE A 200 -0.29 -7.77 -26.46
N LYS A 201 1.00 -7.64 -26.75
CA LYS A 201 1.45 -7.43 -28.13
C LYS A 201 0.98 -8.56 -29.06
N ASN A 202 1.01 -9.79 -28.56
CA ASN A 202 0.62 -10.95 -29.36
C ASN A 202 -0.87 -11.26 -29.26
N LYS A 203 -1.64 -10.29 -28.79
CA LYS A 203 -3.11 -10.36 -28.80
C LYS A 203 -3.65 -11.51 -27.98
N HIS A 204 -2.95 -11.88 -26.91
CA HIS A 204 -3.48 -12.89 -25.97
C HIS A 204 -4.15 -12.19 -24.79
N MET A 205 -3.83 -10.91 -24.60
CA MET A 205 -4.54 -10.09 -23.62
C MET A 205 -4.74 -8.67 -24.14
N ASN A 206 -5.68 -7.97 -23.53
CA ASN A 206 -5.97 -6.57 -23.89
C ASN A 206 -5.58 -5.61 -22.75
N ALA A 207 -4.82 -4.57 -23.05
CA ALA A 207 -4.30 -3.68 -22.01
C ALA A 207 -5.39 -2.97 -21.21
N ASP A 208 -6.56 -2.82 -21.82
CA ASP A 208 -7.66 -2.10 -21.18
C ASP A 208 -8.48 -2.96 -20.23
N THR A 209 -8.15 -4.25 -20.14
CA THR A 209 -8.95 -5.15 -19.31
C THR A 209 -8.89 -4.75 -17.84
N ASP A 210 -10.05 -4.58 -17.23
CA ASP A 210 -10.11 -4.21 -15.81
C ASP A 210 -10.84 -5.30 -15.02
N TYR A 211 -11.17 -5.01 -13.77
CA TYR A 211 -11.81 -6.01 -12.92
C TYR A 211 -13.16 -6.45 -13.49
N SER A 212 -14.00 -5.49 -13.87
CA SER A 212 -15.36 -5.80 -14.32
CA SER A 212 -15.35 -5.81 -14.31
C SER A 212 -15.34 -6.61 -15.61
N ILE A 213 -14.49 -6.20 -16.54
CA ILE A 213 -14.38 -6.86 -17.84
C ILE A 213 -13.92 -8.31 -17.71
N ALA A 214 -12.87 -8.54 -16.91
CA ALA A 214 -12.34 -9.89 -16.73
C ALA A 214 -13.35 -10.77 -16.00
N GLU A 215 -14.02 -10.20 -15.00
CA GLU A 215 -15.02 -10.96 -14.24
C GLU A 215 -16.19 -11.39 -15.14
N ALA A 216 -16.71 -10.46 -15.93
CA ALA A 216 -17.82 -10.75 -16.82
C ALA A 216 -17.42 -11.80 -17.85
N ALA A 217 -16.20 -11.69 -18.37
CA ALA A 217 -15.71 -12.62 -19.38
C ALA A 217 -15.62 -14.04 -18.81
N PHE A 218 -15.05 -14.17 -17.62
CA PHE A 218 -14.92 -15.50 -17.04
C PHE A 218 -16.30 -16.07 -16.68
N ASN A 219 -17.14 -15.23 -16.10
CA ASN A 219 -18.41 -15.73 -15.59
C ASN A 219 -19.39 -16.00 -16.72
N LYS A 220 -19.10 -15.46 -17.91
CA LYS A 220 -19.90 -15.72 -19.11
C LYS A 220 -19.35 -16.88 -19.93
N GLY A 221 -18.24 -17.47 -19.48
CA GLY A 221 -17.67 -18.62 -20.15
C GLY A 221 -16.86 -18.29 -21.40
N GLU A 222 -16.38 -17.04 -21.50
CA GLU A 222 -15.68 -16.57 -22.69
C GLU A 222 -14.17 -16.76 -22.58
N THR A 223 -13.65 -16.73 -21.36
CA THR A 223 -12.24 -16.99 -21.14
C THR A 223 -12.06 -18.16 -20.18
N ALA A 224 -11.02 -18.93 -20.41
CA ALA A 224 -10.79 -20.16 -19.66
C ALA A 224 -10.25 -19.93 -18.25
N MET A 225 -9.61 -18.78 -18.03
CA MET A 225 -8.96 -18.54 -16.75
C MET A 225 -9.07 -17.10 -16.31
N THR A 226 -9.04 -16.88 -15.01
CA THR A 226 -8.86 -15.54 -14.50
C THR A 226 -8.01 -15.63 -13.24
N ILE A 227 -7.57 -14.47 -12.75
CA ILE A 227 -6.78 -14.42 -11.52
C ILE A 227 -7.55 -13.53 -10.56
N ASN A 228 -7.91 -14.06 -9.41
CA ASN A 228 -8.72 -13.29 -8.48
C ASN A 228 -8.67 -13.90 -7.09
N GLY A 229 -9.26 -13.22 -6.11
CA GLY A 229 -9.23 -13.73 -4.74
C GLY A 229 -10.57 -14.34 -4.34
N PRO A 230 -10.67 -14.81 -3.09
CA PRO A 230 -11.88 -15.51 -2.61
C PRO A 230 -13.17 -14.67 -2.72
N TRP A 231 -13.08 -13.35 -2.61
CA TRP A 231 -14.29 -12.51 -2.70
C TRP A 231 -15.03 -12.72 -4.03
N ALA A 232 -14.30 -13.19 -5.04
CA ALA A 232 -14.88 -13.33 -6.38
C ALA A 232 -15.66 -14.63 -6.59
N TRP A 233 -15.53 -15.59 -5.66
CA TRP A 233 -16.13 -16.89 -5.85
C TRP A 233 -17.68 -16.84 -5.85
N SER A 234 -18.27 -15.92 -5.09
CA SER A 234 -19.75 -15.85 -5.02
C SER A 234 -20.39 -15.58 -6.36
N ASN A 235 -19.82 -14.62 -7.10
CA ASN A 235 -20.37 -14.25 -8.39
C ASN A 235 -20.16 -15.36 -9.41
N ILE A 236 -19.07 -16.11 -9.25
CA ILE A 236 -18.89 -17.28 -10.10
C ILE A 236 -19.92 -18.37 -9.81
N ASP A 237 -20.16 -18.65 -8.52
CA ASP A 237 -21.21 -19.60 -8.13
C ASP A 237 -22.53 -19.25 -8.82
N THR A 238 -22.92 -17.99 -8.75
CA THR A 238 -24.18 -17.54 -9.37
C THR A 238 -24.20 -17.77 -10.89
N SER A 239 -23.04 -17.66 -11.53
CA SER A 239 -22.95 -17.84 -12.99
C SER A 239 -23.06 -19.29 -13.42
N LYS A 240 -22.97 -20.22 -12.47
CA LYS A 240 -23.01 -21.65 -12.76
C LYS A 240 -21.85 -22.15 -13.63
N VAL A 241 -20.84 -21.32 -13.84
CA VAL A 241 -19.60 -21.78 -14.48
C VAL A 241 -19.01 -22.91 -13.62
N ASN A 242 -18.54 -23.96 -14.29
CA ASN A 242 -17.90 -25.09 -13.63
C ASN A 242 -16.43 -24.78 -13.35
N TYR A 243 -16.14 -24.14 -12.21
CA TYR A 243 -14.81 -23.60 -11.96
C TYR A 243 -14.02 -24.35 -10.90
N GLY A 244 -12.71 -24.18 -10.97
CA GLY A 244 -11.79 -24.67 -9.97
C GLY A 244 -10.82 -23.57 -9.58
N VAL A 245 -10.16 -23.75 -8.44
CA VAL A 245 -9.23 -22.79 -7.89
C VAL A 245 -7.92 -23.50 -7.64
N THR A 246 -6.82 -23.01 -8.20
CA THR A 246 -5.57 -23.76 -8.09
C THR A 246 -4.34 -22.86 -8.01
N VAL A 247 -3.18 -23.48 -7.94
CA VAL A 247 -1.91 -22.76 -7.84
C VAL A 247 -1.66 -21.90 -9.08
N LEU A 248 -1.11 -20.70 -8.87
CA LEU A 248 -0.76 -19.83 -9.99
C LEU A 248 0.32 -20.50 -10.86
N PRO A 249 0.38 -20.14 -12.15
CA PRO A 249 1.40 -20.74 -13.01
C PRO A 249 2.81 -20.31 -12.60
N THR A 250 3.82 -21.12 -12.91
CA THR A 250 5.20 -20.73 -12.66
C THR A 250 5.70 -19.85 -13.80
N PHE A 251 6.73 -19.06 -13.52
CA PHE A 251 7.40 -18.30 -14.56
C PHE A 251 8.91 -18.54 -14.42
N LYS A 252 9.51 -18.96 -15.53
CA LYS A 252 10.90 -19.37 -15.57
C LYS A 252 11.19 -20.39 -14.47
N GLY A 253 10.23 -21.30 -14.27
CA GLY A 253 10.38 -22.39 -13.34
C GLY A 253 10.15 -22.03 -11.88
N GLN A 254 9.86 -20.76 -11.62
CA GLN A 254 9.66 -20.25 -10.26
C GLN A 254 8.18 -19.98 -9.99
N PRO A 255 7.73 -20.23 -8.75
CA PRO A 255 6.33 -19.95 -8.42
C PRO A 255 5.97 -18.48 -8.58
N SER A 256 4.78 -18.17 -9.05
CA SER A 256 4.28 -16.82 -8.93
C SER A 256 4.16 -16.52 -7.43
N LYS A 257 4.38 -15.27 -7.05
CA LYS A 257 4.44 -14.95 -5.64
C LYS A 257 3.48 -13.80 -5.32
N PRO A 258 2.22 -14.13 -5.04
CA PRO A 258 1.25 -13.07 -4.77
C PRO A 258 1.62 -12.32 -3.49
N PHE A 259 1.29 -11.03 -3.44
CA PHE A 259 1.40 -10.27 -2.20
C PHE A 259 0.18 -10.63 -1.36
N VAL A 260 0.39 -11.17 -0.17
CA VAL A 260 -0.68 -11.64 0.70
C VAL A 260 -1.23 -10.51 1.56
N GLY A 261 -2.54 -10.37 1.58
CA GLY A 261 -3.17 -9.31 2.34
C GLY A 261 -3.98 -9.87 3.48
N VAL A 262 -3.97 -9.17 4.60
CA VAL A 262 -4.86 -9.52 5.70
C VAL A 262 -5.95 -8.46 5.79
N LEU A 263 -7.19 -8.82 5.44
CA LEU A 263 -8.28 -7.88 5.59
C LEU A 263 -8.35 -7.53 7.08
N SER A 264 -8.39 -6.24 7.38
CA SER A 264 -8.30 -5.80 8.77
C SER A 264 -9.28 -4.67 9.07
N ALA A 265 -9.65 -4.52 10.34
CA ALA A 265 -10.57 -3.46 10.74
C ALA A 265 -9.90 -2.53 11.74
N GLY A 266 -9.71 -1.27 11.35
CA GLY A 266 -9.12 -0.29 12.25
C GLY A 266 -10.17 0.64 12.85
N ILE A 267 -9.82 1.27 13.97
CA ILE A 267 -10.70 2.22 14.64
C ILE A 267 -10.13 3.64 14.53
N ASN A 268 -10.95 4.56 14.02
CA ASN A 268 -10.59 5.95 13.84
C ASN A 268 -10.13 6.60 15.13
N ALA A 269 -8.95 7.21 15.12
CA ALA A 269 -8.43 7.87 16.32
C ALA A 269 -9.40 8.95 16.81
N ALA A 270 -10.14 9.54 15.87
CA ALA A 270 -11.08 10.62 16.19
C ALA A 270 -12.46 10.12 16.64
N SER A 271 -12.69 8.82 16.63
CA SER A 271 -13.99 8.28 17.06
C SER A 271 -14.21 8.40 18.57
N PRO A 272 -15.35 8.99 18.97
CA PRO A 272 -15.75 8.99 20.38
C PRO A 272 -16.39 7.65 20.79
N ASN A 273 -16.42 6.72 19.84
CA ASN A 273 -17.10 5.44 20.02
C ASN A 273 -16.17 4.22 20.01
N LYS A 274 -14.96 4.37 20.56
CA LYS A 274 -13.98 3.29 20.46
C LYS A 274 -14.39 2.04 21.23
N GLU A 275 -15.14 2.22 22.33
CA GLU A 275 -15.57 1.06 23.12
C GLU A 275 -16.70 0.32 22.40
N LEU A 276 -17.62 1.06 21.80
CA LEU A 276 -18.66 0.47 20.94
C LEU A 276 -18.03 -0.31 19.78
N ALA A 277 -17.01 0.28 19.16
CA ALA A 277 -16.35 -0.36 18.02
C ALA A 277 -15.67 -1.65 18.48
N LYS A 278 -15.01 -1.59 19.63
CA LYS A 278 -14.35 -2.76 20.20
C LYS A 278 -15.35 -3.90 20.42
N GLU A 279 -16.48 -3.57 21.02
CA GLU A 279 -17.53 -4.54 21.32
C GLU A 279 -18.01 -5.20 20.03
N PHE A 280 -18.30 -4.37 19.03
CA PHE A 280 -18.80 -4.89 17.77
C PHE A 280 -17.79 -5.84 17.12
N LEU A 281 -16.54 -5.43 17.05
CA LEU A 281 -15.54 -6.22 16.36
C LEU A 281 -15.20 -7.52 17.08
N GLU A 282 -15.04 -7.47 18.40
CA GLU A 282 -14.63 -8.63 19.17
C GLU A 282 -15.78 -9.60 19.46
N ASN A 283 -16.96 -9.06 19.73
CA ASN A 283 -18.06 -9.92 20.20
C ASN A 283 -19.19 -10.16 19.21
N TYR A 284 -19.13 -9.51 18.05
CA TYR A 284 -20.14 -9.76 17.03
C TYR A 284 -19.48 -10.24 15.73
N LEU A 285 -18.52 -9.46 15.20
CA LEU A 285 -17.93 -9.83 13.91
C LEU A 285 -16.98 -11.02 14.01
N LEU A 286 -15.98 -10.92 14.90
CA LEU A 286 -14.99 -12.00 15.03
C LEU A 286 -15.51 -13.14 15.89
N THR A 287 -16.60 -13.73 15.44
CA THR A 287 -17.19 -14.92 16.04
C THR A 287 -17.52 -15.85 14.87
N ASP A 288 -17.82 -17.12 15.17
CA ASP A 288 -18.18 -18.06 14.11
C ASP A 288 -19.36 -17.55 13.30
N GLU A 289 -20.37 -17.05 13.99
CA GLU A 289 -21.61 -16.57 13.36
C GLU A 289 -21.41 -15.28 12.57
N GLY A 290 -20.60 -14.37 13.10
CA GLY A 290 -20.33 -13.10 12.44
C GLY A 290 -19.56 -13.29 11.14
N LEU A 291 -18.46 -14.06 11.21
CA LEU A 291 -17.67 -14.31 10.02
C LEU A 291 -18.45 -15.14 9.00
N GLU A 292 -19.30 -16.06 9.49
CA GLU A 292 -20.13 -16.85 8.57
C GLU A 292 -21.08 -15.97 7.77
N ALA A 293 -21.73 -15.01 8.44
CA ALA A 293 -22.64 -14.08 7.75
C ALA A 293 -21.91 -13.29 6.66
N VAL A 294 -20.69 -12.84 6.95
CA VAL A 294 -19.93 -12.15 5.93
C VAL A 294 -19.47 -13.12 4.83
N ASN A 295 -18.94 -14.27 5.24
CA ASN A 295 -18.39 -15.26 4.32
C ASN A 295 -19.43 -15.78 3.33
N LYS A 296 -20.68 -15.90 3.80
CA LYS A 296 -21.79 -16.37 2.98
C LYS A 296 -22.16 -15.35 1.91
N ASP A 297 -21.85 -14.08 2.16
CA ASP A 297 -22.07 -13.01 1.21
C ASP A 297 -20.98 -13.07 0.13
N LYS A 298 -19.76 -12.67 0.51
CA LYS A 298 -18.56 -12.85 -0.32
C LYS A 298 -17.50 -13.55 0.55
N PRO A 299 -16.93 -14.67 0.05
CA PRO A 299 -15.95 -15.41 0.84
C PRO A 299 -14.76 -14.56 1.26
N LEU A 300 -14.34 -14.74 2.52
CA LEU A 300 -13.30 -13.95 3.14
C LEU A 300 -11.89 -14.45 2.84
N GLY A 301 -11.78 -15.73 2.48
CA GLY A 301 -10.48 -16.38 2.44
C GLY A 301 -10.25 -17.17 3.72
N ALA A 302 -8.99 -17.29 4.14
CA ALA A 302 -8.66 -18.02 5.37
C ALA A 302 -8.78 -17.10 6.57
N VAL A 303 -9.85 -17.26 7.34
CA VAL A 303 -10.14 -16.27 8.38
C VAL A 303 -9.17 -16.34 9.54
N ALA A 304 -9.08 -15.24 10.27
CA ALA A 304 -8.11 -15.14 11.36
C ALA A 304 -8.58 -15.90 12.60
N LEU A 305 -9.89 -16.05 12.74
CA LEU A 305 -10.47 -16.74 13.89
C LEU A 305 -10.23 -18.24 13.79
N LYS A 306 -9.46 -18.81 14.72
CA LYS A 306 -9.08 -20.22 14.64
C LYS A 306 -10.28 -21.17 14.57
N SER A 307 -11.25 -20.96 15.45
CA SER A 307 -12.39 -21.89 15.54
C SER A 307 -13.06 -22.04 14.18
N TYR A 308 -13.26 -20.93 13.47
CA TYR A 308 -13.98 -20.98 12.20
C TYR A 308 -13.11 -21.37 11.02
N GLU A 309 -11.81 -21.05 11.08
CA GLU A 309 -10.91 -21.44 10.00
C GLU A 309 -10.72 -22.96 9.92
N GLU A 310 -10.84 -23.64 11.05
CA GLU A 310 -10.70 -25.09 11.06
C GLU A 310 -11.78 -25.73 10.19
N GLU A 311 -12.94 -25.07 10.07
CA GLU A 311 -14.00 -25.52 9.18
C GLU A 311 -13.73 -25.13 7.72
N LEU A 312 -13.36 -23.88 7.49
CA LEU A 312 -13.12 -23.40 6.14
C LEU A 312 -11.94 -24.12 5.48
N ALA A 313 -11.01 -24.60 6.30
CA ALA A 313 -9.77 -25.16 5.79
C ALA A 313 -9.99 -26.44 5.01
N LYS A 314 -11.16 -27.04 5.19
CA LYS A 314 -11.49 -28.31 4.54
C LYS A 314 -11.94 -28.06 3.11
N ASP A 315 -12.12 -26.80 2.77
CA ASP A 315 -12.51 -26.38 1.43
C ASP A 315 -11.27 -26.37 0.52
N PRO A 316 -11.32 -27.13 -0.57
CA PRO A 316 -10.21 -27.16 -1.54
C PRO A 316 -9.86 -25.77 -2.09
N ARG A 317 -10.85 -24.89 -2.20
CA ARG A 317 -10.59 -23.54 -2.68
C ARG A 317 -9.75 -22.78 -1.68
N ILE A 318 -10.00 -23.02 -0.40
CA ILE A 318 -9.21 -22.43 0.68
C ILE A 318 -7.80 -23.04 0.74
N ALA A 319 -7.71 -24.35 0.58
CA ALA A 319 -6.39 -25.00 0.49
C ALA A 319 -5.55 -24.38 -0.62
N ALA A 320 -6.18 -24.12 -1.78
CA ALA A 320 -5.48 -23.51 -2.91
C ALA A 320 -5.04 -22.09 -2.59
N THR A 321 -5.93 -21.35 -1.92
CA THR A 321 -5.65 -20.00 -1.45
C THR A 321 -4.40 -20.00 -0.55
N MET A 322 -4.33 -20.95 0.36
CA MET A 322 -3.21 -21.02 1.29
CA MET A 322 -3.21 -21.02 1.29
C MET A 322 -1.92 -21.46 0.60
N GLU A 323 -2.05 -22.37 -0.36
CA GLU A 323 -0.89 -22.82 -1.13
C GLU A 323 -0.23 -21.65 -1.88
N ASN A 324 -1.06 -20.85 -2.55
CA ASN A 324 -0.57 -19.63 -3.18
C ASN A 324 0.00 -18.63 -2.17
N ALA A 325 -0.67 -18.48 -1.03
CA ALA A 325 -0.19 -17.57 0.02
C ALA A 325 1.18 -17.98 0.50
N GLN A 326 1.39 -19.30 0.64
CA GLN A 326 2.67 -19.81 1.12
C GLN A 326 3.81 -19.57 0.13
N LYS A 327 3.48 -19.50 -1.16
CA LYS A 327 4.51 -19.21 -2.17
C LYS A 327 4.76 -17.70 -2.30
N GLY A 328 3.84 -16.90 -1.76
CA GLY A 328 3.96 -15.46 -1.84
C GLY A 328 4.57 -14.88 -0.58
N GLU A 329 4.31 -13.59 -0.34
CA GLU A 329 4.83 -12.95 0.83
C GLU A 329 3.80 -11.99 1.42
N ILE A 330 3.78 -11.91 2.74
CA ILE A 330 2.91 -10.97 3.42
C ILE A 330 3.31 -9.55 3.00
N MET A 331 2.34 -8.72 2.64
CA MET A 331 2.67 -7.32 2.35
C MET A 331 3.25 -6.62 3.57
N PRO A 332 4.23 -5.74 3.35
CA PRO A 332 4.61 -4.83 4.43
C PRO A 332 3.42 -3.96 4.80
N ASN A 333 3.44 -3.38 5.99
CA ASN A 333 2.43 -2.39 6.32
C ASN A 333 3.03 -1.01 6.53
N ILE A 334 4.27 -0.83 6.09
CA ILE A 334 4.97 0.43 6.33
C ILE A 334 4.35 1.58 5.55
N PRO A 335 4.58 2.84 6.01
CA PRO A 335 3.84 3.96 5.43
C PRO A 335 4.08 4.18 3.95
N GLN A 336 5.22 3.68 3.44
CA GLN A 336 5.62 3.84 2.06
CA GLN A 336 5.57 3.87 2.04
C GLN A 336 4.88 2.90 1.09
N MET A 337 4.04 2.03 1.61
CA MET A 337 3.36 1.06 0.73
C MET A 337 2.44 1.73 -0.30
N SER A 338 1.74 2.79 0.11
CA SER A 338 0.87 3.53 -0.79
C SER A 338 1.64 4.08 -2.01
N ALA A 339 2.82 4.66 -1.74
CA ALA A 339 3.66 5.21 -2.79
C ALA A 339 4.17 4.10 -3.69
N PHE A 340 4.54 2.99 -3.09
CA PHE A 340 4.98 1.84 -3.85
C PHE A 340 3.87 1.40 -4.80
N TRP A 341 2.65 1.25 -4.28
CA TRP A 341 1.58 0.75 -5.14
C TRP A 341 1.25 1.73 -6.28
N TYR A 342 1.22 3.02 -6.00
CA TYR A 342 0.93 4.02 -7.04
C TYR A 342 1.99 3.98 -8.15
N ALA A 343 3.25 3.85 -7.73
CA ALA A 343 4.38 3.77 -8.66
C ALA A 343 4.25 2.56 -9.59
N VAL A 344 3.98 1.40 -8.99
CA VAL A 344 3.91 0.17 -9.77
C VAL A 344 2.64 0.15 -10.62
N ARG A 345 1.54 0.68 -10.10
CA ARG A 345 0.32 0.80 -10.90
C ARG A 345 0.58 1.57 -12.19
N THR A 346 1.24 2.71 -12.07
CA THR A 346 1.55 3.51 -13.25
C THR A 346 2.48 2.75 -14.20
N ALA A 347 3.45 2.04 -13.64
CA ALA A 347 4.42 1.31 -14.49
C ALA A 347 3.75 0.24 -15.34
N VAL A 348 2.87 -0.53 -14.70
CA VAL A 348 2.19 -1.61 -15.39
C VAL A 348 1.26 -1.04 -16.47
N ILE A 349 0.49 -0.02 -16.14
CA ILE A 349 -0.43 0.56 -17.11
C ILE A 349 0.34 1.18 -18.28
N ASN A 350 1.41 1.91 -17.98
CA ASN A 350 2.21 2.51 -19.04
C ASN A 350 2.93 1.50 -19.94
N ALA A 351 3.43 0.42 -19.35
CA ALA A 351 4.10 -0.62 -20.14
C ALA A 351 3.09 -1.36 -21.00
N ALA A 352 1.94 -1.66 -20.41
CA ALA A 352 0.86 -2.37 -21.11
C ALA A 352 0.35 -1.58 -22.31
N SER A 353 0.30 -0.26 -22.18
CA SER A 353 -0.28 0.60 -23.20
C SER A 353 0.74 1.06 -24.22
N GLY A 354 2.02 0.90 -23.89
CA GLY A 354 3.09 1.37 -24.74
C GLY A 354 3.46 2.83 -24.53
N ARG A 355 2.91 3.46 -23.49
CA ARG A 355 3.27 4.84 -23.17
C ARG A 355 4.73 4.90 -22.75
N GLN A 356 5.17 3.83 -22.09
CA GLN A 356 6.58 3.68 -21.74
C GLN A 356 7.06 2.29 -22.09
N THR A 357 8.36 2.16 -22.34
CA THR A 357 8.96 0.85 -22.42
C THR A 357 8.96 0.25 -21.02
N VAL A 358 9.04 -1.08 -20.94
CA VAL A 358 9.18 -1.77 -19.68
C VAL A 358 10.34 -1.23 -18.83
N ASP A 359 11.51 -1.08 -19.46
CA ASP A 359 12.69 -0.58 -18.73
C ASP A 359 12.43 0.80 -18.13
N GLU A 360 11.91 1.73 -18.92
CA GLU A 360 11.74 3.08 -18.40
C GLU A 360 10.59 3.12 -17.40
N ALA A 361 9.56 2.31 -17.63
CA ALA A 361 8.41 2.25 -16.72
C ALA A 361 8.83 1.80 -15.31
N LEU A 362 9.59 0.70 -15.25
CA LEU A 362 10.02 0.15 -13.97
C LEU A 362 11.09 1.03 -13.30
N LYS A 363 11.95 1.66 -14.11
CA LYS A 363 12.88 2.67 -13.56
C LYS A 363 12.12 3.76 -12.78
N ASP A 364 11.08 4.33 -13.39
CA ASP A 364 10.27 5.35 -12.70
C ASP A 364 9.63 4.81 -11.42
N ALA A 365 9.15 3.57 -11.46
CA ALA A 365 8.52 2.96 -10.29
C ALA A 365 9.52 2.74 -9.16
N GLN A 366 10.74 2.35 -9.53
CA GLN A 366 11.85 2.27 -8.58
C GLN A 366 12.08 3.60 -7.88
N THR A 367 12.25 4.64 -8.69
CA THR A 367 12.51 5.98 -8.20
C THR A 367 11.36 6.46 -7.31
N GLY A 368 10.13 6.23 -7.75
CA GLY A 368 8.96 6.61 -6.97
C GLY A 368 8.88 5.89 -5.64
N SER A 369 9.16 4.59 -5.66
CA SER A 369 9.08 3.77 -4.46
C SER A 369 10.15 4.13 -3.42
N GLU A 370 11.35 4.47 -3.90
CA GLU A 370 12.47 4.81 -3.00
C GLU A 370 12.49 6.26 -2.57
N LEU A 371 11.59 7.07 -3.14
CA LEU A 371 11.70 8.52 -3.02
C LEU A 371 11.68 8.99 -1.57
N TYR A 372 10.74 8.49 -0.78
CA TYR A 372 10.63 8.96 0.60
C TYR A 372 11.90 8.69 1.39
N ARG A 373 12.36 7.44 1.38
CA ARG A 373 13.53 7.05 2.17
C ARG A 373 14.82 7.70 1.66
N GLN A 374 14.98 7.76 0.34
CA GLN A 374 16.15 8.43 -0.22
C GLN A 374 16.17 9.91 0.21
N SER A 375 15.00 10.54 0.12
CA SER A 375 14.87 11.96 0.50
C SER A 375 15.10 12.14 1.99
N LEU A 376 14.60 11.21 2.79
CA LEU A 376 14.76 11.33 4.24
C LEU A 376 16.22 11.16 4.62
N GLU A 377 16.90 10.21 3.98
CA GLU A 377 18.32 9.98 4.27
C GLU A 377 19.14 11.27 4.09
N ILE A 378 18.89 11.95 2.98
CA ILE A 378 19.58 13.19 2.66
C ILE A 378 19.24 14.34 3.64
N ILE A 379 17.94 14.56 3.81
CA ILE A 379 17.45 15.68 4.59
C ILE A 379 17.79 15.53 6.08
N SER A 380 17.61 14.32 6.58
CA SER A 380 17.95 14.01 7.98
C SER A 380 19.43 14.22 8.23
N ARG A 381 20.26 13.68 7.34
CA ARG A 381 21.70 13.85 7.51
C ARG A 381 22.09 15.31 7.46
N TYR A 382 21.49 16.06 6.54
CA TYR A 382 21.82 17.49 6.41
C TYR A 382 21.39 18.26 7.65
N LEU A 383 20.16 18.04 8.11
CA LEU A 383 19.68 18.77 9.28
C LEU A 383 20.51 18.46 10.53
N ARG A 384 20.84 17.18 10.74
CA ARG A 384 21.58 16.80 11.95
C ARG A 384 23.02 17.34 11.94
N GLU A 385 23.66 17.32 10.79
CA GLU A 385 25.04 17.76 10.73
C GLU A 385 25.11 19.29 10.83
N GLN A 386 24.09 19.96 10.30
CA GLN A 386 23.99 21.42 10.39
C GLN A 386 23.81 21.84 11.85
N ALA A 387 23.00 21.08 12.58
CA ALA A 387 22.71 21.39 13.98
C ALA A 387 23.92 21.12 14.89
N THR A 388 24.56 19.99 14.69
CA THR A 388 25.65 19.55 15.56
C THR A 388 27.03 20.05 15.09
N GLY A 389 27.15 20.34 13.81
CA GLY A 389 28.42 20.78 13.24
C GLY A 389 29.29 19.63 12.77
N ALA A 390 28.91 18.39 13.09
CA ALA A 390 29.67 17.22 12.68
C ALA A 390 28.83 16.31 11.78
N ALA A 391 29.47 15.74 10.75
CA ALA A 391 28.79 14.80 9.86
C ALA A 391 28.61 13.40 10.47
N ASP A 392 27.62 12.69 9.95
CA ASP A 392 27.35 11.31 10.34
C ASP A 392 28.35 10.39 9.63
N THR A 393 29.07 9.57 10.39
CA THR A 393 30.05 8.66 9.79
C THR A 393 29.46 7.32 9.32
N ALA A 394 28.16 7.13 9.49
CA ALA A 394 27.54 5.89 9.02
C ALA A 394 27.54 5.79 7.50
N PRO A 395 27.89 4.61 6.98
CA PRO A 395 27.76 4.35 5.53
C PRO A 395 26.37 4.70 5.02
N MET A 396 26.28 5.22 3.80
N MET A 396 26.29 5.21 3.80
CA MET A 396 25.00 5.59 3.21
CA MET A 396 25.02 5.60 3.19
C MET A 396 24.14 4.37 2.89
C MET A 396 24.15 4.38 2.91
N GLY A 397 24.78 3.24 2.65
CA GLY A 397 24.08 2.03 2.26
C GLY A 397 23.62 2.04 0.81
N ALA A 398 22.42 1.51 0.57
CA ALA A 398 21.88 1.34 -0.78
C ALA A 398 21.69 2.67 -1.50
N SER A 399 22.04 2.69 -2.79
CA SER A 399 22.08 3.92 -3.58
C SER A 399 22.92 4.99 -2.89
N GLY A 400 24.03 4.57 -2.28
CA GLY A 400 24.86 5.45 -1.50
C GLY A 400 25.53 6.54 -2.32
N ALA A 401 25.81 6.25 -3.59
CA ALA A 401 26.38 7.24 -4.47
C ALA A 401 25.44 8.42 -4.62
N THR A 402 24.17 8.13 -4.87
CA THR A 402 23.16 9.17 -5.02
C THR A 402 23.01 10.00 -3.74
N SER A 403 22.76 9.33 -2.62
CA SER A 403 22.66 10.00 -1.31
C SER A 403 23.86 10.87 -1.03
N ARG A 404 25.05 10.32 -1.27
CA ARG A 404 26.27 11.01 -0.92
C ARG A 404 26.45 12.25 -1.81
N LYS A 405 26.27 12.07 -3.12
CA LYS A 405 26.43 13.19 -4.03
C LYS A 405 25.34 14.25 -3.83
N ALA A 406 24.12 13.80 -3.50
CA ALA A 406 23.05 14.75 -3.25
C ALA A 406 23.35 15.55 -1.99
N LEU A 407 23.91 14.89 -0.99
CA LEU A 407 24.24 15.60 0.26
C LEU A 407 25.39 16.58 0.02
N GLU A 408 26.37 16.17 -0.79
CA GLU A 408 27.49 17.05 -1.14
C GLU A 408 26.97 18.30 -1.85
N THR A 409 26.02 18.08 -2.76
CA THR A 409 25.46 19.17 -3.55
C THR A 409 24.64 20.10 -2.67
N LEU A 410 23.88 19.50 -1.76
CA LEU A 410 23.04 20.23 -0.83
C LEU A 410 23.87 21.13 0.09
N ARG A 411 24.99 20.60 0.59
CA ARG A 411 25.92 21.39 1.41
C ARG A 411 26.42 22.61 0.68
N ARG A 412 26.77 22.42 -0.59
CA ARG A 412 27.39 23.48 -1.38
C ARG A 412 26.37 24.55 -1.71
N VAL A 413 25.21 24.13 -2.21
CA VAL A 413 24.16 25.08 -2.54
C VAL A 413 23.47 25.64 -1.30
N GLY A 414 23.30 24.79 -0.29
CA GLY A 414 22.62 25.21 0.93
C GLY A 414 23.41 26.25 1.74
N ASP A 415 24.73 26.22 1.60
CA ASP A 415 25.57 27.18 2.31
C ASP A 415 25.15 28.60 1.96
N GLY A 416 25.16 28.90 0.65
CA GLY A 416 24.74 30.19 0.17
C GLY A 416 23.30 30.53 0.50
N VAL A 417 22.39 29.57 0.31
CA VAL A 417 20.99 29.82 0.60
C VAL A 417 20.78 30.23 2.05
N GLN A 418 21.37 29.51 2.99
CA GLN A 418 21.23 29.84 4.40
C GLN A 418 21.84 31.19 4.72
N ARG A 419 22.97 31.50 4.10
CA ARG A 419 23.63 32.78 4.33
C ARG A 419 22.75 33.91 3.83
N ASN A 420 22.26 33.78 2.60
CA ASN A 420 21.45 34.85 1.99
C ASN A 420 20.06 35.00 2.63
N HIS A 421 19.49 33.90 3.12
CA HIS A 421 18.15 33.91 3.69
C HIS A 421 18.11 34.01 5.21
N GLU A 422 19.28 34.20 5.83
CA GLU A 422 19.41 34.17 7.29
C GLU A 422 18.40 35.10 8.00
N THR A 423 18.29 36.32 7.51
CA THR A 423 17.35 37.29 8.08
C THR A 423 15.90 36.86 7.87
N ALA A 424 15.60 36.37 6.67
CA ALA A 424 14.26 35.86 6.35
C ALA A 424 13.89 34.65 7.21
N PHE A 425 14.85 33.76 7.44
CA PHE A 425 14.59 32.59 8.26
C PHE A 425 14.34 32.99 9.72
N GLN A 426 15.12 33.94 10.23
CA GLN A 426 14.94 34.43 11.60
C GLN A 426 13.52 34.95 11.81
N GLY A 427 13.02 35.69 10.83
CA GLY A 427 11.68 36.23 10.88
C GLY A 427 10.62 35.14 10.83
N MET A 428 10.79 34.19 9.93
N MET A 428 10.79 34.17 9.95
CA MET A 428 9.87 33.06 9.80
CA MET A 428 9.84 33.07 9.81
C MET A 428 9.77 32.28 11.11
C MET A 428 9.78 32.21 11.07
N LEU A 429 10.92 31.98 11.70
CA LEU A 429 10.99 31.18 12.92
C LEU A 429 10.28 31.87 14.06
N ARG A 430 10.50 33.19 14.19
CA ARG A 430 9.91 33.96 15.28
C ARG A 430 8.38 33.97 15.19
N LYS A 431 7.86 33.97 13.97
CA LYS A 431 6.42 33.96 13.77
C LYS A 431 5.85 32.58 14.10
N LEU A 432 6.49 31.53 13.61
CA LEU A 432 6.02 30.16 13.80
C LEU A 432 6.21 29.69 15.24
N ASP A 433 7.30 30.11 15.88
CA ASP A 433 7.62 29.75 17.26
C ASP A 433 7.68 28.24 17.49
N ILE A 434 8.66 27.58 16.85
CA ILE A 434 8.85 26.14 16.98
C ILE A 434 9.72 25.81 18.19
N LYS A 435 9.10 25.28 19.24
CA LYS A 435 9.79 25.06 20.51
C LYS A 435 9.79 23.60 20.96
N ASN A 436 9.04 22.75 20.26
CA ASN A 436 8.94 21.33 20.63
C ASN A 436 8.27 20.44 19.57
N GLU A 437 8.10 19.16 19.90
CA GLU A 437 7.58 18.18 18.94
C GLU A 437 6.17 18.54 18.47
N ASP A 438 5.38 19.14 19.36
CA ASP A 438 4.02 19.56 19.01
C ASP A 438 4.06 20.66 17.94
N ASP A 439 5.02 21.57 18.07
CA ASP A 439 5.17 22.67 17.11
C ASP A 439 5.57 22.21 15.71
N VAL A 440 6.42 21.19 15.64
CA VAL A 440 6.89 20.66 14.36
C VAL A 440 5.74 20.02 13.59
N LYS A 441 4.77 19.48 14.33
CA LYS A 441 3.56 18.94 13.71
C LYS A 441 2.79 20.06 13.00
N SER A 442 2.49 21.13 13.74
CA SER A 442 1.81 22.29 13.18
C SER A 442 2.55 22.88 11.98
N LEU A 443 3.88 22.77 11.99
CA LEU A 443 4.71 23.32 10.93
C LEU A 443 4.43 22.66 9.59
N SER A 444 4.06 21.38 9.64
CA SER A 444 3.81 20.60 8.43
C SER A 444 2.69 21.21 7.57
N ARG A 445 1.57 21.53 8.22
CA ARG A 445 0.41 22.09 7.53
C ARG A 445 0.74 23.42 6.86
N VAL A 446 1.51 24.25 7.56
CA VAL A 446 1.96 25.52 7.01
C VAL A 446 2.79 25.31 5.75
N MET A 447 3.67 24.32 5.80
CA MET A 447 4.56 24.05 4.68
C MET A 447 3.79 23.48 3.48
N ILE A 448 2.90 22.54 3.73
CA ILE A 448 2.12 21.94 2.65
C ILE A 448 1.27 22.98 1.94
N HIS A 449 0.93 24.06 2.65
CA HIS A 449 0.12 25.14 2.10
C HIS A 449 0.94 26.08 1.21
N VAL A 450 2.08 26.54 1.73
CA VAL A 450 2.91 27.49 1.00
C VAL A 450 3.70 26.83 -0.15
N PHE A 451 4.23 25.63 0.11
CA PHE A 451 5.10 24.95 -0.84
C PHE A 451 4.34 24.42 -2.07
N SER A 452 3.03 24.24 -1.93
CA SER A 452 2.22 23.79 -3.05
C SER A 452 2.06 24.85 -4.13
N ASP A 453 2.15 26.12 -3.74
CA ASP A 453 1.91 27.22 -4.66
C ASP A 453 3.18 27.64 -5.42
N GLY A 454 3.07 27.76 -6.73
CA GLY A 454 4.14 28.32 -7.55
C GLY A 454 4.96 27.30 -8.31
N VAL A 455 5.74 27.76 -9.28
CA VAL A 455 6.57 26.86 -10.08
C VAL A 455 7.58 26.11 -9.22
N THR A 456 7.62 24.79 -9.37
CA THR A 456 8.58 23.95 -8.66
C THR A 456 9.94 24.01 -9.33
N ASN A 457 10.99 24.16 -8.53
CA ASN A 457 12.35 24.04 -9.04
C ASN A 457 13.26 23.61 -7.91
N TRP A 458 14.47 23.16 -8.23
CA TRP A 458 15.39 22.69 -7.20
C TRP A 458 15.79 23.83 -6.24
N GLY A 459 15.85 25.05 -6.74
CA GLY A 459 16.17 26.19 -5.90
C GLY A 459 15.22 26.32 -4.72
N ARG A 460 13.92 26.26 -5.00
CA ARG A 460 12.91 26.35 -3.96
C ARG A 460 12.96 25.17 -2.97
N ILE A 461 13.30 24.00 -3.47
CA ILE A 461 13.46 22.83 -2.61
C ILE A 461 14.64 23.02 -1.66
N VAL A 462 15.74 23.60 -2.16
CA VAL A 462 16.88 23.85 -1.31
C VAL A 462 16.48 24.87 -0.23
N THR A 463 15.64 25.84 -0.57
CA THR A 463 15.25 26.85 0.41
C THR A 463 14.44 26.21 1.56
N LEU A 464 13.51 25.33 1.19
CA LEU A 464 12.73 24.61 2.18
C LEU A 464 13.62 23.79 3.11
N ILE A 465 14.52 23.02 2.54
CA ILE A 465 15.42 22.18 3.34
C ILE A 465 16.40 23.04 4.17
N SER A 466 16.87 24.13 3.59
CA SER A 466 17.71 25.10 4.32
C SER A 466 17.00 25.71 5.52
N PHE A 467 15.72 26.00 5.39
CA PHE A 467 14.97 26.50 6.54
C PHE A 467 14.91 25.41 7.61
N GLY A 468 14.72 24.18 7.17
CA GLY A 468 14.77 23.02 8.04
C GLY A 468 16.06 22.96 8.84
N ALA A 469 17.19 23.15 8.15
CA ALA A 469 18.49 23.16 8.82
C ALA A 469 18.55 24.31 9.82
N PHE A 470 18.01 25.46 9.43
CA PHE A 470 18.00 26.64 10.30
C PHE A 470 17.21 26.35 11.58
N VAL A 471 16.06 25.72 11.42
CA VAL A 471 15.23 25.35 12.57
C VAL A 471 15.93 24.28 13.41
N ALA A 472 16.57 23.32 12.75
CA ALA A 472 17.31 22.27 13.46
C ALA A 472 18.42 22.84 14.35
N LYS A 473 19.13 23.84 13.84
CA LYS A 473 20.17 24.51 14.64
C LYS A 473 19.54 25.11 15.89
N HIS A 474 18.39 25.75 15.71
CA HIS A 474 17.66 26.36 16.82
C HIS A 474 17.23 25.32 17.86
N LEU A 475 16.68 24.20 17.39
CA LEU A 475 16.26 23.12 18.28
C LEU A 475 17.43 22.58 19.10
N LYS A 476 18.57 22.38 18.46
CA LYS A 476 19.79 21.98 19.16
C LYS A 476 20.20 23.00 20.24
N THR A 477 20.13 24.28 19.90
CA THR A 477 20.56 25.34 20.82
C THR A 477 19.68 25.38 22.07
N ILE A 478 18.40 25.06 21.93
CA ILE A 478 17.51 25.09 23.09
C ILE A 478 17.26 23.70 23.69
N ASN A 479 18.18 22.76 23.43
CA ASN A 479 18.17 21.44 24.06
C ASN A 479 16.94 20.61 23.66
N GLN A 480 16.55 20.75 22.40
CA GLN A 480 15.47 19.95 21.83
C GLN A 480 16.01 19.16 20.65
N GLU A 481 17.19 18.58 20.82
CA GLU A 481 17.82 17.84 19.72
C GLU A 481 16.97 16.65 19.29
N SER A 482 16.14 16.14 20.21
CA SER A 482 15.26 15.03 19.90
C SER A 482 14.20 15.39 18.86
N CYS A 483 14.00 16.69 18.63
CA CYS A 483 12.97 17.14 17.69
C CYS A 483 13.49 17.22 16.24
N ILE A 484 14.80 17.04 16.07
CA ILE A 484 15.39 17.22 14.76
C ILE A 484 14.97 16.09 13.80
N GLU A 485 14.92 14.86 14.28
CA GLU A 485 14.51 13.78 13.37
C GLU A 485 13.01 13.90 12.98
N PRO A 486 12.09 14.16 13.94
CA PRO A 486 10.73 14.40 13.45
C PRO A 486 10.59 15.64 12.56
N LEU A 487 11.45 16.64 12.75
CA LEU A 487 11.45 17.77 11.82
C LEU A 487 11.88 17.31 10.43
N ALA A 488 12.91 16.46 10.36
CA ALA A 488 13.40 15.99 9.05
C ALA A 488 12.33 15.15 8.34
N GLU A 489 11.63 14.33 9.13
CA GLU A 489 10.58 13.49 8.59
C GLU A 489 9.40 14.33 8.08
N SER A 490 9.12 15.42 8.78
CA SER A 490 8.04 16.34 8.39
C SER A 490 8.33 17.06 7.08
N ILE A 491 9.56 17.55 6.95
CA ILE A 491 9.98 18.23 5.73
C ILE A 491 9.99 17.27 4.54
N THR A 492 10.48 16.06 4.77
CA THR A 492 10.49 15.03 3.74
C THR A 492 9.08 14.71 3.28
N ASP A 493 8.18 14.59 4.24
CA ASP A 493 6.78 14.28 3.96
C ASP A 493 6.17 15.35 3.07
N VAL A 494 6.36 16.60 3.44
CA VAL A 494 5.88 17.73 2.66
C VAL A 494 6.46 17.72 1.25
N LEU A 495 7.78 17.54 1.14
CA LEU A 495 8.42 17.52 -0.15
C LEU A 495 7.84 16.42 -1.04
N VAL A 496 7.81 15.20 -0.50
CA VAL A 496 7.53 14.03 -1.31
C VAL A 496 6.06 13.95 -1.72
N ARG A 497 5.13 14.39 -0.88
CA ARG A 497 3.75 14.25 -1.25
C ARG A 497 3.16 15.47 -1.96
N THR A 498 3.87 16.60 -1.98
CA THR A 498 3.44 17.70 -2.83
C THR A 498 4.16 17.72 -4.19
N LYS A 499 5.38 17.17 -4.25
CA LYS A 499 6.17 17.23 -5.48
C LYS A 499 6.54 15.87 -6.08
N ARG A 500 5.83 14.83 -5.67
CA ARG A 500 6.14 13.47 -6.13
C ARG A 500 6.36 13.35 -7.62
N ASP A 501 5.38 13.77 -8.42
CA ASP A 501 5.44 13.59 -9.87
C ASP A 501 6.61 14.37 -10.45
N TRP A 502 6.77 15.62 -9.99
CA TRP A 502 7.88 16.45 -10.46
C TRP A 502 9.22 15.77 -10.17
N LEU A 503 9.39 15.32 -8.93
CA LEU A 503 10.62 14.66 -8.51
C LEU A 503 10.96 13.42 -9.35
N VAL A 504 9.95 12.56 -9.58
CA VAL A 504 10.17 11.38 -10.43
C VAL A 504 10.57 11.80 -11.84
N LYS A 505 9.92 12.83 -12.38
CA LYS A 505 10.26 13.36 -13.71
C LYS A 505 11.70 13.86 -13.81
N GLN A 506 12.23 14.38 -12.70
CA GLN A 506 13.62 14.84 -12.66
C GLN A 506 14.59 13.70 -12.40
N ARG A 507 14.06 12.49 -12.27
CA ARG A 507 14.83 11.29 -11.90
C ARG A 507 15.36 11.43 -10.48
N GLY A 508 14.52 12.02 -9.63
CA GLY A 508 14.81 12.10 -8.21
C GLY A 508 16.06 12.90 -7.92
N TRP A 509 16.80 12.45 -6.92
CA TRP A 509 17.92 13.21 -6.44
C TRP A 509 19.09 13.16 -7.42
N ASP A 510 19.07 12.23 -8.37
CA ASP A 510 20.06 12.28 -9.45
C ASP A 510 19.91 13.57 -10.28
N GLY A 511 18.67 13.99 -10.52
CA GLY A 511 18.41 15.23 -11.23
C GLY A 511 18.96 16.43 -10.48
N PHE A 512 18.79 16.41 -9.17
CA PHE A 512 19.34 17.43 -8.28
C PHE A 512 20.85 17.55 -8.43
N VAL A 513 21.55 16.43 -8.36
CA VAL A 513 23.00 16.43 -8.49
C VAL A 513 23.42 17.01 -9.84
N GLU A 514 22.75 16.57 -10.90
CA GLU A 514 23.12 17.01 -12.25
C GLU A 514 22.85 18.50 -12.46
N PHE A 515 21.74 18.98 -11.92
CA PHE A 515 21.35 20.39 -12.08
C PHE A 515 22.39 21.36 -11.51
N PHE A 516 22.92 21.04 -10.34
CA PHE A 516 23.88 21.93 -9.68
C PHE A 516 25.33 21.52 -9.86
N HIS A 517 25.62 20.66 -10.83
CA HIS A 517 26.97 20.10 -10.99
C HIS A 517 28.05 21.18 -11.20
N VAL A 518 29.29 20.83 -10.86
CA VAL A 518 30.44 21.73 -10.83
C VAL A 518 30.23 22.93 -9.91
#